data_8EAY
#
_entry.id   8EAY
#
_cell.length_a   1.00
_cell.length_b   1.00
_cell.length_c   1.00
_cell.angle_alpha   90.00
_cell.angle_beta   90.00
_cell.angle_gamma   90.00
#
_symmetry.space_group_name_H-M   'P 1'
#
loop_
_entity.id
_entity.type
_entity.pdbx_description
1 polymer 'Fusion glycoprotein F0'
2 polymer '4I3 heavy chain protein'
3 polymer '4I3 light chain protein'
#
loop_
_entity_poly.entity_id
_entity_poly.type
_entity_poly.pdbx_seq_one_letter_code
_entity_poly.pdbx_strand_id
1 'polypeptide(L)'
;LKESYLEESCSTITEGYLSVLRTGWYTNVFTLEVGDVENLTCADGPSLIKTELDLTKSALRELRTVSADQLAREEQIENP
RQSRFVLGAIALGVCTAAAVTAGVAIAKTIRLESEVTAIKNALKKTNEAVSTLGNGVRVLATAVRELKDFVSKNLTRAIN
KNKCDIPDLKMAVSFSQFNRRFLNVVRQFSDNAGITPAISLDLMTDAELARAVSNMPTSAGQIKLMLENRAMVRRKGFGI
LIGVYGSSVIYMVQLPIFGVIDTPCWIVKAAPSCSEKKGNYACLLREDQGWYCQNAGSTVYYPNEKDCETRGDHVFCDTA
CGINVAEQSKECNINISTTNYPCKVSTGRHPISMVALSPLGALVACYKGVSCSIGSNRVGIIKQLNKGCSYITNQDADTV
TIDNTVYQLSKVEG
;
A
2 'polypeptide(L)'
;QVQLQESGPGLVKPSETLSLTCTVSGGSISNYYWNWIRQPPGKGLEWIGYFYYSGSTKYNPSLKSRVTISLDMSKNQFSL
KLRSVTAADTAVYYCARGTMRESGMPDAFDIWGQGTVVTVS
;
H
3 'polypeptide(L)'
;SYELIQPPSVSVSPGQTAIITCSGNNLGNKYACWYQQKAGQSPVMIIYQDNRRPSGIPERFSGSNSGNTATLTISGTQAM
DEADYYCQAWDSSVVFGGGTKLTVLGQ
;
L
#
# COMPACT_ATOMS: atom_id res chain seq x y z
N LEU A 1 3.42 -1.33 7.51
CA LEU A 1 4.33 -2.01 8.43
C LEU A 1 4.55 -1.19 9.71
N LYS A 2 4.09 0.10 9.81
CA LYS A 2 4.27 1.07 10.96
C LYS A 2 2.93 1.71 11.28
N GLU A 3 2.26 1.35 12.40
CA GLU A 3 0.94 1.83 12.78
C GLU A 3 1.05 2.82 13.92
N SER A 4 0.21 3.85 13.87
CA SER A 4 0.15 4.89 14.89
C SER A 4 -1.29 5.09 15.33
N TYR A 5 -1.47 5.50 16.58
CA TYR A 5 -2.79 5.69 17.15
C TYR A 5 -3.19 7.16 17.08
N LEU A 6 -4.38 7.41 16.54
CA LEU A 6 -4.94 8.76 16.45
C LEU A 6 -5.96 8.90 17.58
N GLU A 7 -5.48 9.25 18.77
CA GLU A 7 -6.35 9.32 19.94
C GLU A 7 -7.42 10.39 19.81
N GLU A 8 -7.23 11.38 18.92
CA GLU A 8 -8.25 12.38 18.73
C GLU A 8 -9.56 11.82 18.22
N SER A 9 -9.48 10.89 17.26
CA SER A 9 -10.65 10.25 16.69
C SER A 9 -10.80 8.78 16.97
N CYS A 10 -9.95 8.05 17.97
CA CYS A 10 -9.97 6.61 18.27
C CYS A 10 -9.76 5.80 17.00
N SER A 11 -8.70 6.27 16.09
CA SER A 11 -8.42 5.70 14.78
C SER A 11 -6.94 5.35 14.72
N THR A 12 -6.60 4.40 13.85
CA THR A 12 -5.24 3.97 13.63
C THR A 12 -4.88 4.10 12.15
N ILE A 13 -3.62 4.42 11.88
CA ILE A 13 -3.11 4.60 10.52
C ILE A 13 -1.86 3.74 10.37
N THR A 14 -1.84 2.90 9.33
CA THR A 14 -0.70 2.06 9.01
C THR A 14 -0.10 2.51 7.69
N GLU A 15 1.20 2.78 7.67
CA GLU A 15 1.84 3.56 6.61
C GLU A 15 3.12 2.90 6.11
N GLY A 16 3.05 1.61 5.78
CA GLY A 16 4.21 0.96 5.21
C GLY A 16 3.93 0.08 4.01
N TYR A 17 2.86 0.39 3.27
CA TYR A 17 2.39 -0.46 2.20
C TYR A 17 2.53 0.25 0.86
N LEU A 18 3.43 -0.24 0.01
CA LEU A 18 3.49 0.22 -1.37
C LEU A 18 2.30 -0.32 -2.15
N SER A 19 2.15 0.15 -3.39
CA SER A 19 1.01 -0.29 -4.19
C SER A 19 1.40 -0.40 -5.66
N VAL A 20 0.60 -1.18 -6.38
CA VAL A 20 0.68 -1.34 -7.83
C VAL A 20 -0.71 -1.14 -8.40
N LEU A 21 -0.86 -0.16 -9.29
CA LEU A 21 -2.15 0.25 -9.82
C LEU A 21 -2.32 -0.25 -11.25
N ARG A 22 -3.45 -0.90 -11.53
CA ARG A 22 -3.75 -1.37 -12.87
C ARG A 22 -4.32 -0.23 -13.70
N THR A 23 -3.84 -0.09 -14.93
CA THR A 23 -4.27 0.99 -15.82
C THR A 23 -4.95 0.50 -17.09
N GLY A 24 -4.33 -0.39 -17.84
CA GLY A 24 -4.86 -0.78 -19.14
C GLY A 24 -5.04 -2.27 -19.34
N TRP A 25 -5.32 -2.67 -20.58
CA TRP A 25 -5.51 -4.07 -20.94
C TRP A 25 -4.73 -4.39 -22.20
N TYR A 26 -4.06 -5.54 -22.20
CA TYR A 26 -3.22 -5.98 -23.31
C TYR A 26 -3.87 -7.20 -23.95
N THR A 27 -4.52 -6.99 -25.09
CA THR A 27 -5.25 -8.07 -25.74
C THR A 27 -4.30 -9.04 -26.43
N ASN A 28 -4.62 -10.34 -26.34
CA ASN A 28 -3.90 -11.39 -27.05
C ASN A 28 -4.91 -12.24 -27.79
N VAL A 29 -4.58 -12.61 -29.02
CA VAL A 29 -5.45 -13.41 -29.88
C VAL A 29 -4.84 -14.80 -30.04
N PHE A 30 -5.61 -15.82 -29.73
CA PHE A 30 -5.18 -17.21 -29.84
C PHE A 30 -5.84 -17.88 -31.04
N THR A 31 -5.07 -18.74 -31.69
CA THR A 31 -5.55 -19.49 -32.86
C THR A 31 -5.09 -20.93 -32.73
N LEU A 32 -5.99 -21.80 -32.27
CA LEU A 32 -5.71 -23.23 -32.21
C LEU A 32 -6.37 -23.95 -33.39
N GLU A 33 -5.75 -25.05 -33.78
CA GLU A 33 -6.20 -25.83 -34.94
C GLU A 33 -6.56 -27.24 -34.49
N VAL A 34 -7.65 -27.76 -35.04
CA VAL A 34 -8.13 -29.09 -34.66
C VAL A 34 -7.72 -30.16 -35.67
N GLY A 35 -7.04 -29.80 -36.75
CA GLY A 35 -6.53 -30.79 -37.67
C GLY A 35 -7.46 -31.09 -38.83
N ASP A 36 -7.62 -32.38 -39.13
CA ASP A 36 -8.42 -32.83 -40.26
C ASP A 36 -9.33 -34.00 -39.90
N VAL A 37 -9.78 -34.10 -38.65
CA VAL A 37 -10.60 -35.23 -38.20
C VAL A 37 -12.09 -35.00 -38.42
N GLU A 38 -12.48 -33.95 -39.16
CA GLU A 38 -13.89 -33.71 -39.40
C GLU A 38 -14.52 -34.87 -40.16
N ASN A 39 -13.84 -35.36 -41.21
CA ASN A 39 -14.27 -36.53 -41.96
C ASN A 39 -13.01 -37.24 -42.46
N LEU A 40 -12.55 -38.23 -41.71
CA LEU A 40 -11.32 -38.95 -42.04
C LEU A 40 -11.42 -40.38 -41.52
N THR A 41 -11.85 -41.29 -42.40
CA THR A 41 -11.77 -42.74 -42.16
C THR A 41 -12.42 -43.15 -40.85
N CYS A 42 -13.74 -42.94 -40.75
CA CYS A 42 -14.50 -43.37 -39.57
C CYS A 42 -15.06 -44.77 -39.76
N ALA A 43 -15.80 -44.98 -40.86
CA ALA A 43 -16.40 -46.27 -41.22
C ALA A 43 -17.29 -46.75 -40.07
N ASP A 44 -17.34 -48.04 -39.77
CA ASP A 44 -18.22 -48.59 -38.75
C ASP A 44 -17.56 -49.64 -37.86
N GLY A 45 -16.23 -49.75 -37.87
CA GLY A 45 -15.55 -50.75 -37.09
C GLY A 45 -15.20 -50.27 -35.70
N PRO A 46 -15.84 -50.85 -34.68
CA PRO A 46 -15.56 -50.45 -33.30
C PRO A 46 -14.11 -50.75 -32.92
N SER A 47 -13.53 -49.87 -32.12
CA SER A 47 -12.15 -50.03 -31.65
C SER A 47 -12.01 -49.22 -30.37
N LEU A 48 -10.76 -49.06 -29.91
CA LEU A 48 -10.50 -48.32 -28.68
C LEU A 48 -10.20 -46.85 -28.93
N ILE A 49 -9.31 -46.54 -29.88
CA ILE A 49 -8.97 -45.16 -30.18
C ILE A 49 -9.98 -44.51 -31.12
N LYS A 50 -10.78 -45.29 -31.82
CA LYS A 50 -11.91 -44.73 -32.59
C LYS A 50 -12.93 -44.08 -31.66
N THR A 51 -13.04 -44.57 -30.43
CA THR A 51 -13.89 -43.91 -29.43
C THR A 51 -13.23 -42.67 -28.86
N GLU A 52 -12.03 -42.32 -29.32
CA GLU A 52 -11.41 -41.07 -28.91
C GLU A 52 -11.56 -39.98 -29.96
N LEU A 53 -11.72 -40.36 -31.24
CA LEU A 53 -11.91 -39.38 -32.29
C LEU A 53 -13.31 -38.79 -32.26
N ASP A 54 -14.32 -39.61 -31.95
CA ASP A 54 -15.67 -39.09 -31.82
C ASP A 54 -15.78 -38.10 -30.66
N LEU A 55 -14.93 -38.24 -29.65
CA LEU A 55 -14.86 -37.22 -28.61
C LEU A 55 -14.40 -35.88 -29.19
N THR A 56 -13.40 -35.91 -30.08
CA THR A 56 -12.96 -34.69 -30.74
C THR A 56 -14.07 -34.10 -31.60
N LYS A 57 -14.79 -34.95 -32.33
CA LYS A 57 -15.91 -34.48 -33.13
C LYS A 57 -17.01 -33.85 -32.28
N SER A 58 -17.35 -34.47 -31.15
CA SER A 58 -18.34 -33.90 -30.25
C SER A 58 -17.85 -32.60 -29.63
N ALA A 59 -16.54 -32.50 -29.37
CA ALA A 59 -15.97 -31.24 -28.89
C ALA A 59 -16.14 -30.15 -29.94
N LEU A 60 -15.89 -30.48 -31.20
CA LEU A 60 -16.13 -29.51 -32.28
C LEU A 60 -17.60 -29.11 -32.33
N ARG A 61 -18.50 -30.09 -32.20
CA ARG A 61 -19.93 -29.79 -32.27
C ARG A 61 -20.35 -28.86 -31.14
N GLU A 62 -19.92 -29.15 -29.91
CA GLU A 62 -20.30 -28.31 -28.79
C GLU A 62 -19.64 -26.94 -28.85
N LEU A 63 -18.41 -26.84 -29.45
CA LEU A 63 -17.66 -25.55 -29.63
C LEU A 63 -18.37 -24.70 -30.66
N ARG A 64 -18.97 -25.32 -31.67
CA ARG A 64 -19.77 -24.59 -32.64
C ARG A 64 -21.10 -24.15 -32.03
N THR A 65 -21.74 -25.03 -31.25
CA THR A 65 -23.01 -24.69 -30.63
C THR A 65 -22.86 -23.53 -29.66
N VAL A 66 -21.83 -23.56 -28.82
CA VAL A 66 -21.64 -22.50 -27.84
C VAL A 66 -21.23 -21.20 -28.52
N SER A 67 -20.46 -21.28 -29.61
CA SER A 67 -20.12 -20.07 -30.35
C SER A 67 -21.35 -19.45 -31.01
N ALA A 68 -22.22 -20.29 -31.57
CA ALA A 68 -23.45 -19.77 -32.16
C ALA A 68 -24.36 -19.16 -31.10
N ASP A 69 -24.45 -19.80 -29.93
CA ASP A 69 -25.30 -19.27 -28.87
C ASP A 69 -24.67 -18.06 -28.19
N GLN A 70 -23.36 -17.86 -28.38
CA GLN A 70 -22.70 -16.69 -27.81
C GLN A 70 -23.26 -15.39 -28.40
N LEU A 71 -23.49 -15.36 -29.71
CA LEU A 71 -24.08 -14.20 -30.36
C LEU A 71 -25.60 -14.28 -30.37
N ALA A 72 -26.18 -14.58 -29.21
CA ALA A 72 -27.62 -14.60 -29.04
C ALA A 72 -28.01 -13.79 -27.80
N ARG A 73 -27.11 -13.73 -26.82
CA ARG A 73 -27.33 -12.93 -25.63
C ARG A 73 -27.09 -11.45 -25.88
N GLU A 74 -26.34 -11.11 -26.93
CA GLU A 74 -25.97 -9.72 -27.21
C GLU A 74 -27.12 -8.97 -27.88
N GLU A 75 -28.27 -8.96 -27.20
CA GLU A 75 -29.45 -8.23 -27.67
C GLU A 75 -29.51 -6.86 -26.99
N GLN A 76 -28.62 -5.98 -27.45
CA GLN A 76 -28.47 -4.61 -26.94
C GLN A 76 -28.62 -4.51 -25.43
N GLY A 93 -14.49 -8.76 -10.47
CA GLY A 93 -14.76 -7.59 -9.65
C GLY A 93 -15.89 -6.73 -10.19
N VAL A 94 -16.72 -6.20 -9.28
CA VAL A 94 -17.83 -5.35 -9.69
C VAL A 94 -17.31 -4.08 -10.34
N CYS A 95 -16.30 -3.45 -9.73
CA CYS A 95 -15.71 -2.25 -10.30
C CYS A 95 -14.90 -2.55 -11.57
N THR A 96 -14.44 -3.79 -11.73
CA THR A 96 -13.71 -4.20 -12.92
C THR A 96 -14.65 -4.56 -14.07
N ALA A 97 -15.95 -4.69 -13.81
CA ALA A 97 -16.89 -5.08 -14.84
C ALA A 97 -16.94 -4.10 -16.00
N ALA A 98 -16.50 -2.86 -15.80
CA ALA A 98 -16.41 -1.91 -16.90
C ALA A 98 -15.40 -2.35 -17.95
N ALA A 99 -14.45 -3.21 -17.59
CA ALA A 99 -13.50 -3.76 -18.53
C ALA A 99 -14.06 -4.93 -19.32
N VAL A 100 -15.05 -5.63 -18.78
CA VAL A 100 -15.69 -6.73 -19.51
C VAL A 100 -16.39 -6.19 -20.74
N THR A 101 -17.02 -5.02 -20.62
CA THR A 101 -17.66 -4.40 -21.78
C THR A 101 -16.64 -4.07 -22.86
N ALA A 102 -15.46 -3.54 -22.46
CA ALA A 102 -14.43 -3.25 -23.44
C ALA A 102 -13.91 -4.52 -24.10
N GLY A 103 -13.74 -5.59 -23.31
CA GLY A 103 -13.31 -6.85 -23.88
C GLY A 103 -14.31 -7.44 -24.86
N VAL A 104 -15.60 -7.27 -24.57
CA VAL A 104 -16.64 -7.70 -25.50
C VAL A 104 -16.60 -6.86 -26.76
N ALA A 105 -16.43 -5.54 -26.61
CA ALA A 105 -16.45 -4.65 -27.77
C ALA A 105 -15.26 -4.93 -28.70
N ILE A 106 -14.07 -5.14 -28.14
CA ILE A 106 -12.90 -5.40 -28.98
C ILE A 106 -13.05 -6.74 -29.70
N ALA A 107 -13.65 -7.74 -29.05
CA ALA A 107 -13.86 -9.03 -29.70
C ALA A 107 -14.83 -8.93 -30.86
N LYS A 108 -15.86 -8.08 -30.73
CA LYS A 108 -16.84 -7.93 -31.80
C LYS A 108 -16.19 -7.38 -33.07
N THR A 109 -15.28 -6.42 -32.92
CA THR A 109 -14.62 -5.84 -34.09
C THR A 109 -13.77 -6.89 -34.80
N ILE A 110 -13.02 -7.69 -34.05
CA ILE A 110 -12.12 -8.66 -34.67
C ILE A 110 -12.89 -9.77 -35.36
N ARG A 111 -14.00 -10.22 -34.78
CA ARG A 111 -14.74 -11.36 -35.29
C ARG A 111 -15.54 -11.05 -36.56
N LEU A 112 -15.64 -9.78 -36.95
CA LEU A 112 -16.47 -9.38 -38.08
C LEU A 112 -15.58 -8.96 -39.25
N GLU A 113 -16.20 -8.82 -40.42
CA GLU A 113 -15.51 -8.70 -41.70
C GLU A 113 -14.40 -9.73 -41.83
N SER A 114 -13.28 -9.34 -42.45
CA SER A 114 -12.17 -10.24 -42.71
C SER A 114 -10.94 -9.89 -41.88
N GLU A 115 -11.14 -9.35 -40.68
CA GLU A 115 -10.00 -9.08 -39.79
C GLU A 115 -9.30 -10.37 -39.41
N VAL A 116 -10.06 -11.45 -39.17
CA VAL A 116 -9.46 -12.74 -38.87
C VAL A 116 -8.65 -13.24 -40.06
N THR A 117 -9.11 -12.95 -41.28
CA THR A 117 -8.37 -13.35 -42.47
C THR A 117 -6.99 -12.69 -42.49
N ALA A 118 -6.93 -11.40 -42.19
CA ALA A 118 -5.64 -10.72 -42.08
C ALA A 118 -4.82 -11.28 -40.92
N ILE A 119 -5.49 -11.56 -39.80
CA ILE A 119 -4.79 -12.13 -38.64
C ILE A 119 -4.22 -13.50 -38.98
N LYS A 120 -5.01 -14.34 -39.66
CA LYS A 120 -4.55 -15.67 -40.03
C LYS A 120 -3.39 -15.59 -41.02
N ASN A 121 -3.47 -14.66 -41.98
CA ASN A 121 -2.37 -14.48 -42.92
C ASN A 121 -1.10 -14.01 -42.22
N ALA A 122 -1.24 -13.28 -41.12
CA ALA A 122 -0.07 -12.78 -40.40
C ALA A 122 0.73 -13.89 -39.75
N LEU A 123 0.11 -15.03 -39.45
CA LEU A 123 0.76 -16.15 -38.80
C LEU A 123 0.83 -17.37 -39.70
N LYS A 124 0.94 -17.13 -41.02
CA LYS A 124 0.97 -18.24 -41.96
C LYS A 124 2.31 -18.96 -41.96
N LYS A 125 3.35 -18.36 -41.41
CA LYS A 125 4.62 -19.05 -41.20
C LYS A 125 5.08 -19.00 -39.75
N THR A 126 4.90 -17.87 -39.06
CA THR A 126 5.45 -17.67 -37.73
C THR A 126 4.34 -17.78 -36.70
N ASN A 127 4.61 -18.52 -35.62
CA ASN A 127 3.64 -18.71 -34.54
C ASN A 127 3.39 -17.44 -33.75
N GLU A 128 4.27 -16.45 -33.82
CA GLU A 128 4.12 -15.20 -33.07
C GLU A 128 4.36 -14.02 -33.99
N ALA A 129 3.43 -13.07 -33.99
CA ALA A 129 3.54 -11.87 -34.82
C ALA A 129 2.55 -10.84 -34.32
N VAL A 130 3.04 -9.64 -34.04
CA VAL A 130 2.17 -8.55 -33.59
C VAL A 130 1.38 -8.02 -34.76
N SER A 131 0.07 -7.90 -34.60
CA SER A 131 -0.82 -7.46 -35.66
C SER A 131 -1.60 -6.23 -35.20
N THR A 132 -1.89 -5.34 -36.14
CA THR A 132 -2.65 -4.13 -35.85
C THR A 132 -4.15 -4.48 -35.85
N LEU A 133 -4.98 -3.45 -35.80
CA LEU A 133 -6.44 -3.62 -35.82
C LEU A 133 -7.05 -2.49 -36.62
N GLY A 134 -8.32 -2.68 -37.01
CA GLY A 134 -9.00 -1.67 -37.79
C GLY A 134 -9.11 -0.33 -37.07
N ASN A 135 -9.11 -0.36 -35.75
CA ASN A 135 -9.11 0.86 -34.94
C ASN A 135 -7.71 1.29 -34.52
N GLY A 136 -6.68 0.55 -34.93
CA GLY A 136 -5.30 0.91 -34.63
C GLY A 136 -4.78 0.43 -33.31
N VAL A 137 -5.58 -0.30 -32.52
CA VAL A 137 -5.12 -0.81 -31.24
C VAL A 137 -4.25 -2.04 -31.46
N ARG A 138 -3.04 -2.01 -30.91
CA ARG A 138 -2.11 -3.12 -31.10
C ARG A 138 -2.60 -4.36 -30.37
N VAL A 139 -2.55 -5.50 -31.06
CA VAL A 139 -3.01 -6.78 -30.53
C VAL A 139 -1.99 -7.85 -30.88
N LEU A 140 -1.68 -8.71 -29.91
CA LEU A 140 -0.74 -9.80 -30.12
C LEU A 140 -1.49 -11.07 -30.51
N ALA A 141 -0.94 -11.81 -31.47
CA ALA A 141 -1.56 -13.02 -31.99
C ALA A 141 -0.59 -14.19 -31.84
N THR A 142 -1.11 -15.34 -31.44
CA THR A 142 -0.31 -16.54 -31.24
C THR A 142 -1.01 -17.75 -31.85
N ALA A 143 -0.22 -18.69 -32.37
CA ALA A 143 -0.71 -19.94 -32.91
C ALA A 143 0.15 -21.09 -32.38
N VAL A 144 -0.51 -22.16 -31.95
CA VAL A 144 0.23 -23.29 -31.39
C VAL A 144 0.71 -24.23 -32.50
N ARG A 145 -0.18 -24.62 -33.40
CA ARG A 145 0.15 -25.43 -34.57
C ARG A 145 0.89 -26.70 -34.19
N GLU A 146 0.41 -27.36 -33.13
CA GLU A 146 1.02 -28.59 -32.66
C GLU A 146 0.15 -29.81 -32.92
N LEU A 147 -1.17 -29.67 -32.78
CA LEU A 147 -2.07 -30.78 -33.03
C LEU A 147 -2.03 -31.23 -34.48
N LYS A 148 -2.00 -30.29 -35.42
CA LYS A 148 -1.91 -30.65 -36.83
C LYS A 148 -0.59 -31.33 -37.16
N ASP A 149 0.46 -31.07 -36.38
CA ASP A 149 1.75 -31.70 -36.63
C ASP A 149 1.73 -33.19 -36.35
N PHE A 150 0.72 -33.68 -35.61
CA PHE A 150 0.60 -35.08 -35.29
C PHE A 150 -0.58 -35.77 -35.99
N VAL A 151 -1.73 -35.10 -36.05
CA VAL A 151 -2.90 -35.72 -36.67
C VAL A 151 -2.72 -35.86 -38.18
N SER A 152 -1.98 -34.94 -38.80
CA SER A 152 -1.82 -34.95 -40.25
C SER A 152 -0.55 -35.70 -40.68
N LYS A 153 0.54 -35.57 -39.92
CA LYS A 153 1.79 -36.17 -40.32
C LYS A 153 2.04 -37.53 -39.68
N ASN A 154 1.67 -37.72 -38.41
CA ASN A 154 1.98 -38.94 -37.68
C ASN A 154 0.74 -39.79 -37.43
N LEU A 155 -0.36 -39.52 -38.10
CA LEU A 155 -1.57 -40.31 -37.89
C LEU A 155 -2.25 -40.69 -39.19
N THR A 156 -1.97 -39.99 -40.29
CA THR A 156 -2.76 -40.17 -41.51
C THR A 156 -2.57 -41.56 -42.12
N ARG A 157 -1.32 -41.98 -42.32
CA ARG A 157 -1.11 -43.27 -42.99
C ARG A 157 -1.25 -44.43 -42.01
N ALA A 158 -1.17 -44.16 -40.71
CA ALA A 158 -1.33 -45.21 -39.71
C ALA A 158 -2.73 -45.81 -39.77
N ILE A 159 -3.75 -44.97 -39.92
CA ILE A 159 -5.13 -45.42 -40.07
C ILE A 159 -5.40 -45.50 -41.57
N ASN A 160 -5.36 -46.72 -42.11
CA ASN A 160 -5.54 -46.95 -43.54
C ASN A 160 -6.50 -48.11 -43.76
N LYS A 161 -7.35 -47.97 -44.78
CA LYS A 161 -8.32 -48.99 -45.16
C LYS A 161 -9.26 -49.35 -44.01
N ASN A 162 -9.49 -48.39 -43.12
CA ASN A 162 -10.42 -48.51 -41.99
C ASN A 162 -10.04 -49.62 -41.01
N LYS A 163 -8.83 -50.19 -41.14
CA LYS A 163 -8.35 -51.19 -40.19
C LYS A 163 -7.67 -50.45 -39.04
N CYS A 164 -8.46 -50.15 -38.02
CA CYS A 164 -8.09 -49.18 -37.00
C CYS A 164 -7.44 -49.82 -35.78
N ASP A 165 -6.38 -49.19 -35.28
CA ASP A 165 -5.79 -49.38 -33.96
C ASP A 165 -5.09 -50.73 -33.78
N ILE A 166 -5.11 -51.62 -34.77
CA ILE A 166 -4.44 -52.91 -34.61
C ILE A 166 -2.93 -52.81 -34.83
N PRO A 167 -2.39 -52.11 -35.89
CA PRO A 167 -0.96 -52.21 -36.20
C PRO A 167 -0.11 -51.20 -35.43
N ASP A 168 -0.36 -51.07 -34.13
CA ASP A 168 0.37 -50.14 -33.27
C ASP A 168 -0.04 -50.38 -31.83
N LEU A 169 0.87 -50.04 -30.92
CA LEU A 169 0.60 -50.10 -29.49
C LEU A 169 1.04 -48.86 -28.72
N LYS A 170 1.99 -48.08 -29.24
CA LYS A 170 2.46 -46.89 -28.55
C LYS A 170 1.76 -45.62 -28.99
N MET A 171 1.46 -45.48 -30.28
CA MET A 171 0.78 -44.28 -30.76
C MET A 171 -0.65 -44.19 -30.25
N ALA A 172 -1.24 -45.31 -29.82
CA ALA A 172 -2.57 -45.27 -29.23
C ALA A 172 -2.58 -44.43 -27.96
N VAL A 173 -1.56 -44.59 -27.11
CA VAL A 173 -1.48 -43.80 -25.89
C VAL A 173 -1.15 -42.35 -26.21
N SER A 174 -0.25 -42.12 -27.16
CA SER A 174 0.19 -40.76 -27.48
C SER A 174 -0.90 -39.90 -28.10
N PHE A 175 -1.99 -40.51 -28.58
CA PHE A 175 -3.09 -39.72 -29.11
C PHE A 175 -3.76 -38.88 -28.01
N SER A 176 -3.86 -39.42 -26.80
CA SER A 176 -4.38 -38.65 -25.68
C SER A 176 -3.43 -37.59 -25.19
N GLN A 177 -2.14 -37.67 -25.55
CA GLN A 177 -1.19 -36.64 -25.16
C GLN A 177 -1.50 -35.32 -25.83
N PHE A 178 -1.67 -35.32 -27.15
CA PHE A 178 -2.04 -34.12 -27.89
C PHE A 178 -3.54 -34.01 -28.07
N ASN A 179 -4.29 -34.22 -26.98
CA ASN A 179 -5.73 -34.04 -27.01
C ASN A 179 -6.29 -33.36 -25.77
N ARG A 180 -5.52 -33.24 -24.68
CA ARG A 180 -6.06 -32.69 -23.44
C ARG A 180 -6.42 -31.22 -23.59
N ARG A 181 -5.59 -30.46 -24.30
CA ARG A 181 -5.77 -29.01 -24.35
C ARG A 181 -7.10 -28.64 -25.00
N PHE A 182 -7.37 -29.18 -26.18
CA PHE A 182 -8.61 -28.85 -26.89
C PHE A 182 -9.84 -29.26 -26.07
N LEU A 183 -9.81 -30.47 -25.51
CA LEU A 183 -10.96 -30.95 -24.74
C LEU A 183 -11.19 -30.06 -23.52
N ASN A 184 -10.11 -29.71 -22.81
CA ASN A 184 -10.26 -28.88 -21.62
C ASN A 184 -10.79 -27.50 -21.97
N VAL A 185 -10.26 -26.87 -23.01
CA VAL A 185 -10.68 -25.51 -23.35
C VAL A 185 -12.13 -25.51 -23.86
N VAL A 186 -12.51 -26.54 -24.63
CA VAL A 186 -13.89 -26.58 -25.10
C VAL A 186 -14.85 -26.85 -23.95
N ARG A 187 -14.45 -27.69 -22.99
CA ARG A 187 -15.27 -27.88 -21.80
C ARG A 187 -15.43 -26.59 -21.03
N GLN A 188 -14.35 -25.83 -20.86
CA GLN A 188 -14.42 -24.56 -20.16
C GLN A 188 -15.37 -23.60 -20.87
N PHE A 189 -15.21 -23.46 -22.20
CA PHE A 189 -16.04 -22.51 -22.94
C PHE A 189 -17.50 -22.92 -22.93
N SER A 190 -17.78 -24.23 -23.01
CA SER A 190 -19.16 -24.68 -22.94
C SER A 190 -19.76 -24.46 -21.55
N ASP A 191 -18.95 -24.60 -20.50
CA ASP A 191 -19.47 -24.42 -19.15
C ASP A 191 -19.75 -22.95 -18.84
N ASN A 192 -18.82 -22.06 -19.21
CA ASN A 192 -18.92 -20.65 -18.82
C ASN A 192 -19.55 -19.77 -19.89
N ALA A 193 -20.02 -20.36 -21.00
CA ALA A 193 -20.67 -19.63 -22.08
C ALA A 193 -19.77 -18.54 -22.66
N GLY A 194 -18.48 -18.88 -22.79
CA GLY A 194 -17.51 -18.03 -23.48
C GLY A 194 -16.60 -17.17 -22.62
N ILE A 195 -17.13 -16.58 -21.55
CA ILE A 195 -16.37 -15.67 -20.69
C ILE A 195 -15.70 -16.48 -19.60
N THR A 196 -14.38 -16.40 -19.52
CA THR A 196 -13.60 -17.13 -18.52
C THR A 196 -12.95 -16.14 -17.56
N PRO A 197 -13.50 -15.93 -16.36
CA PRO A 197 -12.91 -14.97 -15.42
C PRO A 197 -11.51 -15.32 -14.95
N ALA A 198 -11.08 -16.57 -15.10
CA ALA A 198 -9.73 -16.98 -14.69
C ALA A 198 -8.99 -17.50 -15.92
N ILE A 199 -7.71 -17.15 -16.03
CA ILE A 199 -6.86 -17.67 -17.10
C ILE A 199 -6.30 -19.01 -16.65
N SER A 200 -6.96 -20.09 -17.05
CA SER A 200 -6.54 -21.42 -16.61
C SER A 200 -5.24 -21.83 -17.30
N LEU A 201 -4.65 -22.90 -16.79
CA LEU A 201 -3.43 -23.44 -17.38
C LEU A 201 -3.67 -24.14 -18.70
N ASP A 202 -4.93 -24.30 -19.11
CA ASP A 202 -5.25 -24.94 -20.38
C ASP A 202 -5.28 -23.94 -21.53
N LEU A 203 -5.93 -22.80 -21.32
CA LEU A 203 -6.02 -21.78 -22.38
C LEU A 203 -4.64 -21.21 -22.70
N MET A 204 -3.98 -20.68 -21.70
CA MET A 204 -2.65 -20.16 -21.86
C MET A 204 -1.78 -20.98 -20.93
N THR A 205 -0.57 -21.41 -21.31
CA THR A 205 0.36 -22.15 -20.46
C THR A 205 1.59 -21.31 -20.14
N ASP A 206 2.58 -21.94 -19.51
CA ASP A 206 3.87 -21.31 -19.29
C ASP A 206 4.62 -21.18 -20.61
N ALA A 207 5.55 -20.23 -20.66
CA ALA A 207 6.28 -19.77 -21.85
C ALA A 207 5.37 -19.05 -22.83
N GLU A 208 4.06 -19.01 -22.56
CA GLU A 208 3.13 -18.12 -23.26
C GLU A 208 2.58 -17.08 -22.30
N LEU A 209 2.98 -16.96 -21.01
CA LEU A 209 2.61 -15.83 -20.09
C LEU A 209 3.87 -15.06 -19.71
N ALA A 210 5.12 -15.58 -19.72
CA ALA A 210 6.30 -14.71 -19.67
C ALA A 210 6.64 -14.12 -21.02
N ARG A 211 6.02 -14.61 -22.10
CA ARG A 211 6.25 -14.11 -23.45
C ARG A 211 5.15 -13.18 -23.92
N ALA A 212 3.91 -13.36 -23.45
CA ALA A 212 2.77 -12.56 -23.88
C ALA A 212 2.46 -11.42 -22.93
N VAL A 213 3.38 -11.10 -22.01
CA VAL A 213 3.22 -9.97 -21.10
C VAL A 213 4.44 -9.07 -21.26
N SER A 214 5.54 -9.64 -21.76
CA SER A 214 6.78 -8.91 -21.96
C SER A 214 6.73 -8.06 -23.24
N ASN A 215 5.56 -7.99 -23.87
CA ASN A 215 5.34 -7.10 -25.00
C ASN A 215 4.28 -6.06 -24.69
N MET A 216 4.02 -5.80 -23.44
CA MET A 216 3.00 -4.88 -22.97
C MET A 216 3.49 -3.45 -23.12
N PRO A 217 2.58 -2.49 -23.38
CA PRO A 217 2.97 -1.08 -23.50
C PRO A 217 3.28 -0.42 -22.16
N THR A 218 4.33 -0.90 -21.51
CA THR A 218 4.81 -0.33 -20.26
C THR A 218 6.34 -0.34 -20.28
N SER A 219 6.92 0.06 -19.16
CA SER A 219 8.37 0.13 -19.02
C SER A 219 8.91 -1.12 -18.34
N ALA A 220 10.22 -1.12 -18.08
CA ALA A 220 10.87 -2.29 -17.48
C ALA A 220 10.51 -2.44 -16.01
N GLY A 221 9.85 -1.45 -15.41
CA GLY A 221 9.56 -1.52 -13.98
C GLY A 221 8.49 -2.54 -13.64
N GLN A 222 7.30 -2.39 -14.22
CA GLN A 222 6.18 -3.24 -13.85
C GLN A 222 6.23 -4.62 -14.49
N ILE A 223 7.00 -4.79 -15.57
CA ILE A 223 7.06 -6.10 -16.21
C ILE A 223 7.71 -7.13 -15.32
N LYS A 224 8.74 -6.73 -14.55
CA LYS A 224 9.37 -7.65 -13.62
C LYS A 224 8.39 -8.06 -12.53
N LEU A 225 7.62 -7.11 -12.01
CA LEU A 225 6.63 -7.42 -10.98
C LEU A 225 5.55 -8.35 -11.54
N MET A 226 5.14 -8.14 -12.79
CA MET A 226 4.19 -9.06 -13.41
C MET A 226 4.78 -10.45 -13.57
N LEU A 227 6.05 -10.55 -13.96
CA LEU A 227 6.67 -11.86 -14.08
C LEU A 227 6.75 -12.56 -12.74
N GLU A 228 6.93 -11.79 -11.65
CA GLU A 228 6.95 -12.41 -10.33
C GLU A 228 5.56 -12.78 -9.82
N ASN A 229 4.53 -11.99 -10.13
CA ASN A 229 3.18 -12.29 -9.65
C ASN A 229 2.26 -12.69 -10.80
N ARG A 230 2.78 -13.45 -11.76
CA ARG A 230 1.95 -14.05 -12.79
C ARG A 230 0.74 -14.78 -12.23
N ALA A 231 0.81 -15.25 -10.99
CA ALA A 231 -0.36 -15.91 -10.38
C ALA A 231 -1.55 -14.95 -10.32
N MET A 232 -1.36 -13.80 -9.68
CA MET A 232 -2.47 -12.84 -9.60
C MET A 232 -2.73 -12.17 -10.94
N VAL A 233 -1.70 -12.12 -11.81
CA VAL A 233 -1.93 -11.66 -13.18
C VAL A 233 -2.95 -12.56 -13.87
N ARG A 234 -2.82 -13.88 -13.69
CA ARG A 234 -3.83 -14.82 -14.15
C ARG A 234 -5.15 -14.59 -13.44
N ARG A 235 -5.09 -14.29 -12.14
CA ARG A 235 -6.31 -14.11 -11.36
C ARG A 235 -7.16 -12.94 -11.83
N LYS A 236 -6.56 -11.92 -12.42
CA LYS A 236 -7.28 -10.71 -12.82
C LYS A 236 -7.50 -10.60 -14.31
N GLY A 237 -7.16 -11.63 -15.09
CA GLY A 237 -7.32 -11.61 -16.53
C GLY A 237 -8.46 -12.52 -16.96
N PHE A 238 -9.22 -12.07 -17.95
CA PHE A 238 -10.37 -12.80 -18.44
C PHE A 238 -10.31 -12.92 -19.96
N GLY A 239 -10.88 -13.99 -20.48
CA GLY A 239 -10.87 -14.24 -21.91
C GLY A 239 -12.26 -14.49 -22.44
N ILE A 240 -12.42 -14.31 -23.75
CA ILE A 240 -13.69 -14.49 -24.43
C ILE A 240 -13.47 -15.32 -25.68
N LEU A 241 -14.56 -15.90 -26.19
CA LEU A 241 -14.53 -16.73 -27.38
C LEU A 241 -14.89 -15.89 -28.60
N ILE A 242 -14.02 -15.90 -29.61
CA ILE A 242 -14.26 -15.15 -30.84
C ILE A 242 -15.15 -15.93 -31.80
N GLY A 243 -14.82 -17.18 -32.06
CA GLY A 243 -15.63 -18.01 -32.93
C GLY A 243 -14.81 -19.14 -33.51
N VAL A 244 -15.47 -19.94 -34.34
CA VAL A 244 -14.87 -21.08 -35.02
C VAL A 244 -14.87 -20.79 -36.51
N TYR A 245 -13.69 -20.89 -37.12
CA TYR A 245 -13.52 -20.61 -38.55
C TYR A 245 -12.84 -21.81 -39.19
N GLY A 246 -13.61 -22.58 -39.95
CA GLY A 246 -13.07 -23.79 -40.56
C GLY A 246 -12.61 -24.76 -39.49
N SER A 247 -11.44 -25.36 -39.70
CA SER A 247 -10.83 -26.25 -38.73
C SER A 247 -9.88 -25.49 -37.82
N SER A 248 -10.41 -24.47 -37.17
CA SER A 248 -9.60 -23.62 -36.29
C SER A 248 -10.48 -23.06 -35.18
N VAL A 249 -9.85 -22.73 -34.06
CA VAL A 249 -10.50 -22.14 -32.91
C VAL A 249 -9.91 -20.75 -32.69
N ILE A 250 -10.79 -19.75 -32.58
CA ILE A 250 -10.37 -18.36 -32.41
C ILE A 250 -10.94 -17.85 -31.10
N TYR A 251 -10.06 -17.33 -30.24
CA TYR A 251 -10.48 -16.73 -28.98
C TYR A 251 -9.38 -15.80 -28.49
N MET A 252 -9.75 -14.90 -27.58
CA MET A 252 -8.85 -13.87 -27.09
C MET A 252 -8.94 -13.78 -25.57
N VAL A 253 -7.86 -13.28 -24.97
CA VAL A 253 -7.75 -13.16 -23.53
C VAL A 253 -7.20 -11.77 -23.19
N GLN A 254 -7.71 -11.18 -22.11
CA GLN A 254 -7.33 -9.83 -21.68
C GLN A 254 -6.37 -9.91 -20.52
N LEU A 255 -5.29 -9.13 -20.57
CA LEU A 255 -4.29 -9.11 -19.53
C LEU A 255 -4.24 -7.73 -18.86
N PRO A 256 -4.14 -7.69 -17.53
CA PRO A 256 -4.06 -6.40 -16.84
C PRO A 256 -2.74 -5.69 -17.07
N ILE A 257 -2.81 -4.36 -17.11
CA ILE A 257 -1.64 -3.51 -17.28
C ILE A 257 -1.51 -2.65 -16.04
N PHE A 258 -0.32 -2.66 -15.43
CA PHE A 258 -0.06 -1.93 -14.20
C PHE A 258 0.72 -0.65 -14.52
N GLY A 259 0.09 0.50 -14.28
CA GLY A 259 0.73 1.77 -14.60
C GLY A 259 1.91 2.11 -13.71
N VAL A 260 1.73 1.95 -12.38
CA VAL A 260 2.73 2.35 -11.41
C VAL A 260 3.14 1.13 -10.59
N ILE A 261 4.32 1.22 -9.99
CA ILE A 261 4.91 0.08 -9.30
C ILE A 261 5.13 0.38 -7.82
N ASP A 262 5.38 1.64 -7.47
CA ASP A 262 5.77 1.99 -6.10
C ASP A 262 5.31 3.40 -5.81
N THR A 263 4.21 3.52 -5.07
CA THR A 263 3.73 4.80 -4.57
C THR A 263 3.32 4.63 -3.11
N PRO A 264 3.54 5.65 -2.28
CA PRO A 264 3.12 5.54 -0.87
C PRO A 264 1.63 5.29 -0.74
N CYS A 265 1.27 4.35 0.12
CA CYS A 265 -0.13 4.02 0.38
C CYS A 265 -0.28 3.61 1.83
N TRP A 266 -1.50 3.73 2.34
CA TRP A 266 -1.76 3.52 3.76
C TRP A 266 -3.22 3.12 3.95
N ILE A 267 -3.52 2.63 5.15
CA ILE A 267 -4.86 2.17 5.51
C ILE A 267 -5.36 3.00 6.69
N VAL A 268 -6.69 3.15 6.76
CA VAL A 268 -7.35 3.79 7.89
C VAL A 268 -8.43 2.84 8.42
N LYS A 269 -8.41 2.61 9.73
CA LYS A 269 -9.39 1.73 10.39
C LYS A 269 -10.04 2.50 11.53
N ALA A 270 -11.37 2.59 11.50
CA ALA A 270 -12.11 3.45 12.41
C ALA A 270 -12.98 2.64 13.35
N ALA A 271 -13.45 3.31 14.41
CA ALA A 271 -14.29 2.71 15.43
C ALA A 271 -14.93 3.84 16.23
N PRO A 272 -15.89 3.52 17.10
CA PRO A 272 -16.49 4.57 17.94
C PRO A 272 -15.44 5.36 18.70
N SER A 273 -15.68 6.65 18.84
CA SER A 273 -14.65 7.58 19.30
C SER A 273 -14.42 7.49 20.81
N CYS A 274 -15.44 7.77 21.60
CA CYS A 274 -15.25 7.95 23.03
C CYS A 274 -16.60 7.81 23.75
N SER A 275 -16.60 8.18 25.03
CA SER A 275 -17.81 8.35 25.81
C SER A 275 -17.82 9.77 26.35
N GLU A 276 -18.89 10.11 27.07
CA GLU A 276 -19.01 11.43 27.68
C GLU A 276 -19.51 11.27 29.11
N LYS A 277 -19.24 12.28 29.93
CA LYS A 277 -19.52 12.22 31.35
C LYS A 277 -21.03 12.25 31.62
N LYS A 278 -21.39 12.07 32.89
CA LYS A 278 -22.77 12.13 33.34
C LYS A 278 -23.65 11.08 32.65
N GLY A 279 -23.05 9.93 32.37
CA GLY A 279 -23.78 8.80 31.82
C GLY A 279 -24.47 9.06 30.50
N ASN A 280 -23.79 9.76 29.60
CA ASN A 280 -24.32 10.06 28.27
C ASN A 280 -23.25 9.67 27.26
N TYR A 281 -23.32 8.42 26.78
CA TYR A 281 -22.33 7.89 25.85
C TYR A 281 -22.56 8.53 24.48
N ALA A 282 -22.13 9.78 24.35
CA ALA A 282 -22.33 10.57 23.12
C ALA A 282 -20.97 11.03 22.59
N CYS A 283 -20.50 10.36 21.55
CA CYS A 283 -19.29 10.78 20.84
C CYS A 283 -19.53 10.54 19.34
N LEU A 284 -18.45 10.61 18.57
CA LEU A 284 -18.50 10.55 17.12
C LEU A 284 -18.11 9.16 16.65
N LEU A 285 -18.19 8.93 15.34
CA LEU A 285 -17.84 7.64 14.77
C LEU A 285 -17.45 7.87 13.32
N ARG A 286 -16.20 7.57 12.97
CA ARG A 286 -15.71 7.74 11.61
C ARG A 286 -16.15 6.58 10.72
N GLU A 287 -16.52 6.91 9.49
CA GLU A 287 -16.87 5.95 8.45
C GLU A 287 -15.99 6.13 7.21
N ASP A 288 -14.67 6.21 7.43
CA ASP A 288 -13.75 6.34 6.30
C ASP A 288 -13.26 4.96 5.85
N GLN A 289 -12.55 4.26 6.72
CA GLN A 289 -12.28 2.82 6.62
C GLN A 289 -11.88 2.24 5.26
N GLY A 290 -10.87 2.84 4.66
CA GLY A 290 -10.40 2.38 3.36
C GLY A 290 -8.91 2.46 3.14
N TRP A 291 -8.53 2.54 1.87
CA TRP A 291 -7.14 2.67 1.45
C TRP A 291 -6.96 3.98 0.68
N TYR A 292 -5.72 4.45 0.63
CA TYR A 292 -5.36 5.62 -0.17
C TYR A 292 -4.10 5.33 -0.96
N CYS A 293 -4.00 5.92 -2.15
CA CYS A 293 -2.84 5.76 -3.00
C CYS A 293 -2.67 7.02 -3.85
N GLN A 294 -1.45 7.21 -4.34
CA GLN A 294 -1.10 8.38 -5.14
C GLN A 294 -0.69 7.94 -6.54
N ASN A 295 -1.17 8.67 -7.54
CA ASN A 295 -0.81 8.40 -8.94
C ASN A 295 -0.04 9.54 -9.57
N ALA A 296 -0.58 10.76 -9.55
CA ALA A 296 0.03 11.93 -10.16
C ALA A 296 0.00 13.11 -9.19
N GLY A 297 0.40 12.86 -7.95
CA GLY A 297 0.36 13.89 -6.94
C GLY A 297 -1.01 14.19 -6.40
N SER A 298 -2.01 13.35 -6.70
CA SER A 298 -3.37 13.51 -6.21
C SER A 298 -3.82 12.18 -5.63
N THR A 299 -3.94 12.12 -4.31
CA THR A 299 -4.28 10.86 -3.65
C THR A 299 -5.67 10.39 -4.08
N VAL A 300 -5.78 9.09 -4.36
CA VAL A 300 -7.04 8.48 -4.78
C VAL A 300 -7.52 7.54 -3.68
N TYR A 301 -8.82 7.55 -3.44
CA TYR A 301 -9.44 6.76 -2.37
C TYR A 301 -10.36 5.72 -2.97
N TYR A 302 -10.28 4.49 -2.46
CA TYR A 302 -11.17 3.42 -2.88
C TYR A 302 -12.36 3.38 -1.94
N PRO A 303 -13.57 3.64 -2.42
CA PRO A 303 -14.72 3.75 -1.50
C PRO A 303 -15.02 2.48 -0.73
N ASN A 304 -14.56 1.33 -1.19
CA ASN A 304 -14.77 0.06 -0.51
C ASN A 304 -13.45 -0.45 0.08
N GLU A 305 -13.57 -1.24 1.15
CA GLU A 305 -12.40 -1.83 1.77
C GLU A 305 -12.04 -3.18 1.15
N LYS A 306 -12.97 -3.83 0.47
CA LYS A 306 -12.70 -5.07 -0.25
C LYS A 306 -12.44 -4.70 -1.71
N ASP A 307 -11.28 -4.08 -1.95
CA ASP A 307 -10.91 -3.65 -3.29
C ASP A 307 -9.47 -3.96 -3.64
N CYS A 308 -8.60 -4.28 -2.68
CA CYS A 308 -7.19 -4.49 -2.95
C CYS A 308 -6.68 -5.60 -2.05
N GLU A 309 -5.62 -6.28 -2.50
CA GLU A 309 -5.08 -7.44 -1.80
C GLU A 309 -3.62 -7.20 -1.47
N THR A 310 -3.25 -7.45 -0.22
CA THR A 310 -1.86 -7.30 0.22
C THR A 310 -1.08 -8.57 -0.07
N ARG A 311 0.06 -8.42 -0.75
CA ARG A 311 0.97 -9.53 -1.03
C ARG A 311 2.35 -9.13 -0.50
N GLY A 312 2.57 -9.40 0.78
CA GLY A 312 3.78 -8.95 1.44
C GLY A 312 3.70 -7.48 1.79
N ASP A 313 4.42 -6.65 1.05
CA ASP A 313 4.34 -5.20 1.23
C ASP A 313 3.43 -4.55 0.18
N HIS A 314 3.54 -4.98 -1.07
CA HIS A 314 2.84 -4.32 -2.16
C HIS A 314 1.33 -4.53 -2.06
N VAL A 315 0.60 -3.61 -2.67
CA VAL A 315 -0.86 -3.65 -2.72
C VAL A 315 -1.29 -3.53 -4.17
N PHE A 316 -2.17 -4.42 -4.61
CA PHE A 316 -2.59 -4.48 -6.00
C PHE A 316 -3.97 -3.87 -6.13
N CYS A 317 -4.11 -2.86 -6.98
CA CYS A 317 -5.33 -2.08 -7.08
C CYS A 317 -5.60 -1.76 -8.55
N ASP A 318 -6.86 -1.44 -8.85
CA ASP A 318 -7.29 -1.13 -10.21
C ASP A 318 -7.75 0.31 -10.28
N THR A 319 -7.25 1.05 -11.27
CA THR A 319 -7.64 2.45 -11.48
C THR A 319 -8.92 2.54 -12.30
N ALA A 320 -9.95 1.81 -11.88
CA ALA A 320 -11.27 1.91 -12.46
C ALA A 320 -12.37 1.97 -11.41
N CYS A 321 -12.01 1.92 -10.13
CA CYS A 321 -12.97 1.99 -9.05
C CYS A 321 -12.61 3.03 -7.99
N GLY A 322 -11.34 3.42 -7.88
CA GLY A 322 -10.96 4.41 -6.91
C GLY A 322 -11.51 5.79 -7.22
N ILE A 323 -11.61 6.60 -6.17
CA ILE A 323 -12.15 7.96 -6.27
C ILE A 323 -11.02 8.93 -5.95
N ASN A 324 -10.85 9.93 -6.81
CA ASN A 324 -9.84 10.97 -6.60
C ASN A 324 -10.38 12.01 -5.62
N VAL A 325 -9.63 12.25 -4.55
CA VAL A 325 -10.01 13.21 -3.52
C VAL A 325 -9.05 14.40 -3.61
N ALA A 326 -9.60 15.60 -3.47
CA ALA A 326 -8.82 16.81 -3.64
C ALA A 326 -7.77 16.93 -2.55
N GLU A 327 -6.57 17.39 -2.94
CA GLU A 327 -5.52 17.63 -1.98
C GLU A 327 -5.93 18.74 -1.02
N GLN A 328 -5.20 18.82 0.11
CA GLN A 328 -5.46 19.55 1.35
C GLN A 328 -6.45 18.76 2.21
N SER A 329 -6.97 17.63 1.70
CA SER A 329 -7.68 16.67 2.54
C SER A 329 -6.74 15.90 3.46
N LYS A 330 -5.45 16.23 3.43
CA LYS A 330 -4.43 15.56 4.21
C LYS A 330 -4.78 15.55 5.69
N GLU A 331 -5.26 16.68 6.20
CA GLU A 331 -5.51 16.82 7.64
C GLU A 331 -6.92 16.36 8.01
N CYS A 332 -7.25 15.15 7.55
CA CYS A 332 -8.31 14.39 8.17
C CYS A 332 -7.82 13.61 9.37
N ASN A 333 -6.51 13.52 9.55
CA ASN A 333 -5.94 12.95 10.76
C ASN A 333 -6.16 13.83 11.98
N ILE A 334 -6.14 15.15 11.83
CA ILE A 334 -6.44 16.09 12.90
C ILE A 334 -7.88 16.53 12.73
N ASN A 335 -8.72 16.20 13.72
CA ASN A 335 -10.15 16.48 13.68
C ASN A 335 -10.47 17.49 14.79
N ILE A 336 -10.31 18.76 14.47
CA ILE A 336 -10.60 19.87 15.36
C ILE A 336 -11.68 20.78 14.77
N SER A 337 -12.62 20.21 14.01
CA SER A 337 -13.56 20.97 13.19
C SER A 337 -12.78 21.80 12.17
N THR A 338 -11.91 21.13 11.41
CA THR A 338 -11.06 21.81 10.46
C THR A 338 -11.88 22.45 9.34
N THR A 339 -11.44 23.63 8.90
CA THR A 339 -12.16 24.38 7.88
C THR A 339 -11.73 24.03 6.47
N ASN A 340 -10.45 23.68 6.27
CA ASN A 340 -9.92 23.47 4.93
C ASN A 340 -10.67 22.38 4.17
N TYR A 341 -10.59 21.14 4.65
CA TYR A 341 -11.27 20.02 4.01
C TYR A 341 -12.26 19.38 4.98
N PRO A 342 -13.56 19.50 4.76
CA PRO A 342 -14.52 18.83 5.64
C PRO A 342 -14.52 17.32 5.40
N CYS A 343 -13.92 16.57 6.32
CA CYS A 343 -13.91 15.12 6.21
C CYS A 343 -15.32 14.57 6.45
N LYS A 344 -15.75 13.65 5.59
CA LYS A 344 -17.09 13.11 5.64
C LYS A 344 -17.17 12.09 6.77
N VAL A 345 -17.84 12.47 7.86
CA VAL A 345 -18.00 11.63 9.03
C VAL A 345 -19.47 11.63 9.44
N SER A 346 -20.01 10.44 9.66
CA SER A 346 -21.38 10.28 10.10
C SER A 346 -21.54 10.71 11.55
N THR A 347 -22.74 11.15 11.89
CA THR A 347 -23.07 11.62 13.23
C THR A 347 -24.19 10.76 13.81
N GLY A 348 -24.11 10.50 15.11
CA GLY A 348 -25.09 9.69 15.79
C GLY A 348 -24.59 9.18 17.13
N ARG A 349 -25.47 9.15 18.13
CA ARG A 349 -25.03 8.78 19.47
C ARG A 349 -24.89 7.26 19.59
N HIS A 350 -26.00 6.53 19.47
CA HIS A 350 -26.10 5.11 19.10
C HIS A 350 -24.86 4.28 19.46
N PRO A 351 -24.52 4.12 20.74
CA PRO A 351 -23.29 3.42 21.10
C PRO A 351 -23.35 1.94 20.73
N ILE A 352 -22.33 1.49 20.02
CA ILE A 352 -22.19 0.08 19.64
C ILE A 352 -20.79 -0.37 19.99
N SER A 353 -20.68 -1.36 20.87
CA SER A 353 -19.37 -1.91 21.22
C SER A 353 -18.85 -2.79 20.10
N MET A 354 -17.60 -2.58 19.72
CA MET A 354 -16.99 -3.36 18.65
C MET A 354 -15.48 -3.33 18.81
N VAL A 355 -14.82 -4.25 18.11
CA VAL A 355 -13.36 -4.34 18.10
C VAL A 355 -12.91 -4.34 16.64
N ALA A 356 -12.06 -3.38 16.29
CA ALA A 356 -11.54 -3.26 14.93
C ALA A 356 -10.22 -4.00 14.84
N LEU A 357 -10.15 -4.98 13.95
CA LEU A 357 -8.96 -5.82 13.79
C LEU A 357 -7.94 -5.07 12.94
N SER A 358 -7.15 -4.24 13.59
CA SER A 358 -6.07 -3.53 12.90
C SER A 358 -4.94 -4.50 12.53
N PRO A 359 -4.20 -4.19 11.47
CA PRO A 359 -3.13 -5.11 11.04
C PRO A 359 -2.11 -5.44 12.12
N LEU A 360 -1.46 -4.43 12.70
CA LEU A 360 -0.37 -4.68 13.64
C LEU A 360 -0.80 -4.73 15.10
N GLY A 361 -2.07 -4.48 15.37
CA GLY A 361 -2.59 -4.53 16.74
C GLY A 361 -4.06 -4.79 16.75
N ALA A 362 -4.78 -4.09 17.62
CA ALA A 362 -6.23 -4.21 17.68
C ALA A 362 -6.79 -2.96 18.35
N LEU A 363 -7.98 -2.57 17.93
CA LEU A 363 -8.64 -1.38 18.45
C LEU A 363 -9.91 -1.83 19.15
N VAL A 364 -10.07 -1.43 20.41
CA VAL A 364 -11.16 -1.91 21.26
C VAL A 364 -12.00 -0.77 21.83
N ALA A 365 -13.30 -0.88 21.69
CA ALA A 365 -14.22 0.10 22.26
C ALA A 365 -15.46 -0.59 22.81
N CYS A 366 -15.53 -0.74 24.14
CA CYS A 366 -16.71 -1.28 24.80
C CYS A 366 -17.16 -0.29 25.87
N TYR A 367 -18.44 0.05 25.85
CA TYR A 367 -18.98 1.13 26.68
C TYR A 367 -20.07 0.70 27.64
N LYS A 368 -20.93 -0.24 27.23
CA LYS A 368 -22.15 -0.53 27.99
C LYS A 368 -21.89 -1.50 29.14
N GLY A 369 -20.92 -1.18 30.00
CA GLY A 369 -20.71 -1.97 31.20
C GLY A 369 -20.39 -3.42 30.94
N VAL A 370 -19.63 -3.70 29.89
CA VAL A 370 -19.27 -5.07 29.52
C VAL A 370 -17.80 -5.28 29.84
N SER A 371 -17.49 -6.39 30.52
CA SER A 371 -16.12 -6.67 30.93
C SER A 371 -15.24 -6.87 29.69
N CYS A 372 -14.12 -6.17 29.65
CA CYS A 372 -13.18 -6.25 28.54
C CYS A 372 -11.77 -6.40 29.09
N SER A 373 -11.05 -7.40 28.59
CA SER A 373 -9.69 -7.65 29.05
C SER A 373 -8.94 -8.41 27.97
N ILE A 374 -7.62 -8.41 28.09
CA ILE A 374 -6.74 -9.02 27.10
C ILE A 374 -6.22 -10.35 27.65
N GLY A 375 -5.78 -11.22 26.75
CA GLY A 375 -5.23 -12.50 27.13
C GLY A 375 -4.16 -12.98 26.19
N SER A 376 -3.01 -13.39 26.75
CA SER A 376 -1.88 -13.86 25.95
C SER A 376 -1.86 -15.37 25.79
N ASN A 377 -2.88 -16.07 26.29
CA ASN A 377 -3.07 -17.51 26.13
C ASN A 377 -2.07 -18.32 26.95
N ARG A 378 -1.11 -17.64 27.58
CA ARG A 378 -0.16 -18.30 28.48
C ARG A 378 -0.13 -17.69 29.87
N VAL A 379 -0.24 -16.36 29.97
CA VAL A 379 -0.25 -15.72 31.27
C VAL A 379 -1.66 -15.67 31.85
N GLY A 380 -2.68 -15.76 30.99
CA GLY A 380 -4.04 -15.67 31.44
C GLY A 380 -4.60 -14.26 31.34
N ILE A 381 -5.79 -14.08 31.91
CA ILE A 381 -6.44 -12.78 31.86
C ILE A 381 -5.70 -11.82 32.78
N ILE A 382 -4.90 -10.94 32.20
CA ILE A 382 -4.09 -9.97 32.92
C ILE A 382 -4.30 -8.61 32.25
N LYS A 383 -4.13 -7.54 33.02
CA LYS A 383 -4.24 -6.17 32.52
C LYS A 383 -5.63 -5.93 31.92
N GLN A 384 -6.65 -5.97 32.79
CA GLN A 384 -8.01 -5.70 32.35
C GLN A 384 -8.11 -4.29 31.76
N LEU A 385 -8.88 -4.18 30.69
CA LEU A 385 -8.96 -2.96 29.88
C LEU A 385 -9.88 -1.95 30.56
N ASN A 386 -9.91 -0.75 29.98
CA ASN A 386 -10.72 0.35 30.49
C ASN A 386 -11.93 0.57 29.59
N LYS A 387 -12.82 1.45 30.04
CA LYS A 387 -14.04 1.73 29.28
C LYS A 387 -13.73 2.44 27.97
N GLY A 388 -12.79 3.39 28.00
CA GLY A 388 -12.44 4.14 26.81
C GLY A 388 -11.66 3.31 25.81
N CYS A 389 -11.55 3.91 24.50
CA CYS A 389 -10.83 3.23 23.43
C CYS A 389 -9.34 3.20 23.75
N SER A 390 -8.72 1.97 23.72
CA SER A 390 -7.31 1.78 24.01
C SER A 390 -6.67 0.97 22.89
N TYR A 391 -5.37 1.14 22.72
CA TYR A 391 -4.62 0.47 21.66
C TYR A 391 -3.87 -0.72 22.26
N ILE A 392 -4.14 -1.91 21.75
CA ILE A 392 -3.46 -3.14 22.17
C ILE A 392 -2.78 -3.74 20.95
N THR A 393 -1.47 -3.94 21.05
CA THR A 393 -0.71 -4.49 19.95
C THR A 393 -0.54 -5.99 20.11
N ASN A 394 -0.08 -6.65 19.04
CA ASN A 394 0.06 -8.10 19.02
C ASN A 394 1.34 -8.60 19.68
N GLN A 395 2.02 -7.75 20.44
CA GLN A 395 3.20 -8.17 21.21
C GLN A 395 2.99 -8.07 22.70
N ASP A 396 2.29 -7.04 23.18
CA ASP A 396 1.92 -6.97 24.59
C ASP A 396 0.71 -7.82 24.92
N ALA A 397 -0.01 -8.30 23.90
CA ALA A 397 -1.10 -9.24 24.09
C ALA A 397 -1.29 -10.03 22.80
N ASP A 398 -1.96 -11.17 22.92
CA ASP A 398 -2.22 -12.02 21.77
C ASP A 398 -3.70 -12.14 21.44
N THR A 399 -4.59 -11.95 22.41
CA THR A 399 -6.03 -12.00 22.19
C THR A 399 -6.70 -10.85 22.94
N VAL A 400 -7.86 -10.45 22.44
CA VAL A 400 -8.71 -9.45 23.09
C VAL A 400 -10.02 -10.16 23.43
N THR A 401 -10.12 -10.67 24.65
CA THR A 401 -11.24 -11.51 25.05
C THR A 401 -12.40 -10.68 25.56
N ILE A 402 -13.56 -10.86 24.95
CA ILE A 402 -14.83 -10.32 25.44
C ILE A 402 -15.85 -11.45 25.42
N ASP A 403 -16.44 -11.76 26.57
CA ASP A 403 -17.40 -12.86 26.72
C ASP A 403 -16.70 -14.14 26.26
N ASN A 404 -17.24 -14.87 25.28
CA ASN A 404 -16.60 -16.06 24.73
C ASN A 404 -16.31 -15.91 23.23
N THR A 405 -15.88 -14.72 22.82
CA THR A 405 -15.62 -14.39 21.43
C THR A 405 -14.17 -13.96 21.23
N VAL A 406 -13.24 -14.76 21.76
CA VAL A 406 -11.81 -14.44 21.72
C VAL A 406 -11.39 -14.13 20.29
N TYR A 407 -10.69 -13.01 20.12
CA TYR A 407 -10.20 -12.56 18.82
C TYR A 407 -8.70 -12.84 18.72
N GLN A 408 -8.29 -13.42 17.59
CA GLN A 408 -6.88 -13.69 17.36
C GLN A 408 -6.20 -12.47 16.72
N LEU A 409 -4.87 -12.47 16.74
CA LEU A 409 -4.08 -11.40 16.16
C LEU A 409 -3.07 -12.00 15.20
N SER A 410 -2.79 -11.26 14.12
CA SER A 410 -1.93 -11.75 13.06
C SER A 410 -0.49 -11.87 13.54
N LYS A 411 0.26 -12.77 12.89
CA LYS A 411 1.65 -13.02 13.23
C LYS A 411 2.62 -12.10 12.51
N VAL A 412 2.15 -11.32 11.52
CA VAL A 412 3.03 -10.42 10.80
C VAL A 412 3.52 -9.32 11.72
N GLU A 413 4.82 -9.02 11.63
CA GLU A 413 5.46 -8.03 12.48
C GLU A 413 5.99 -6.88 11.65
N GLY A 414 5.94 -5.68 12.22
CA GLY A 414 6.44 -4.49 11.56
C GLY A 414 6.82 -3.39 12.54
N GLN B 1 15.17 31.40 1.46
CA GLN B 1 15.52 30.07 1.92
C GLN B 1 14.72 29.68 3.16
N VAL B 2 13.47 30.18 3.20
CA VAL B 2 12.50 29.94 4.28
C VAL B 2 13.19 30.00 5.64
N GLN B 3 14.03 31.01 5.84
CA GLN B 3 14.80 31.13 7.07
C GLN B 3 13.88 31.50 8.24
N LEU B 4 14.34 31.16 9.44
CA LEU B 4 13.60 31.38 10.67
C LEU B 4 14.31 32.41 11.53
N GLN B 5 13.53 33.26 12.20
CA GLN B 5 14.09 34.30 13.06
C GLN B 5 13.18 34.45 14.27
N GLU B 6 13.71 34.17 15.46
CA GLU B 6 12.95 34.30 16.70
C GLU B 6 13.46 35.50 17.47
N SER B 7 12.53 36.35 17.93
CA SER B 7 12.89 37.56 18.64
C SER B 7 11.83 37.87 19.68
N GLY B 8 12.23 38.61 20.71
CA GLY B 8 11.34 39.00 21.77
C GLY B 8 12.10 39.38 23.04
N PRO B 9 11.36 39.79 24.07
CA PRO B 9 12.01 40.14 25.34
C PRO B 9 13.32 39.89 26.07
N GLY B 10 13.60 38.62 26.33
CA GLY B 10 14.80 38.25 27.07
C GLY B 10 14.91 38.26 28.57
N LEU B 11 13.94 38.89 29.25
CA LEU B 11 13.94 38.94 30.71
C LEU B 11 12.50 39.16 31.16
N VAL B 12 11.92 38.13 31.79
CA VAL B 12 10.53 38.17 32.25
C VAL B 12 10.53 37.91 33.75
N LYS B 13 9.86 38.77 34.50
CA LYS B 13 9.73 38.57 35.94
C LYS B 13 8.79 37.39 36.22
N PRO B 14 8.98 36.71 37.34
CA PRO B 14 8.15 35.54 37.65
C PRO B 14 6.68 35.90 37.80
N SER B 15 5.83 34.90 37.54
CA SER B 15 4.37 35.05 37.61
C SER B 15 3.88 36.13 36.65
N GLU B 16 4.50 36.19 35.47
CA GLU B 16 4.02 37.07 34.40
C GLU B 16 3.84 36.27 33.11
N THR B 17 3.62 36.95 31.99
CA THR B 17 3.34 36.30 30.71
C THR B 17 4.50 36.57 29.76
N LEU B 18 5.36 35.56 29.58
CA LEU B 18 6.43 35.64 28.59
C LEU B 18 5.78 35.78 27.23
N SER B 19 6.38 36.46 26.26
CA SER B 19 5.94 36.54 24.87
C SER B 19 7.13 36.39 23.95
N LEU B 20 6.92 35.73 22.82
CA LEU B 20 7.96 35.51 21.81
C LEU B 20 7.32 35.58 20.44
N THR B 21 8.17 35.64 19.40
CA THR B 21 7.70 35.76 18.04
C THR B 21 8.75 35.22 17.08
N CYS B 22 8.32 34.36 16.17
CA CYS B 22 9.17 33.84 15.10
C CYS B 22 8.66 34.34 13.75
N THR B 23 9.54 34.99 12.99
CA THR B 23 9.21 35.56 11.69
C THR B 23 9.82 34.72 10.59
N VAL B 24 9.00 34.34 9.61
CA VAL B 24 9.44 33.50 8.49
C VAL B 24 9.59 34.37 7.25
N SER B 25 10.67 34.15 6.50
CA SER B 25 10.95 34.87 5.26
C SER B 25 11.07 33.84 4.15
N GLY B 26 10.03 33.72 3.33
CA GLY B 26 10.04 32.75 2.25
C GLY B 26 8.77 31.93 2.14
N GLY B 27 7.73 32.31 2.90
CA GLY B 27 6.44 31.68 2.77
C GLY B 27 6.01 30.84 3.95
N SER B 28 4.99 31.31 4.66
CA SER B 28 4.32 30.54 5.71
C SER B 28 3.08 29.93 5.09
N ILE B 29 3.28 28.86 4.32
CA ILE B 29 2.20 28.27 3.52
C ILE B 29 1.56 27.14 4.30
N SER B 30 0.39 26.69 3.86
CA SER B 30 -0.33 25.63 4.55
C SER B 30 0.24 24.26 4.17
N ASN B 31 1.55 24.16 4.31
CA ASN B 31 2.28 22.94 3.96
C ASN B 31 3.31 22.52 4.98
N TYR B 32 3.54 23.31 6.04
CA TYR B 32 4.55 22.98 7.02
C TYR B 32 3.99 23.15 8.43
N TYR B 33 4.46 22.31 9.35
CA TYR B 33 4.13 22.50 10.75
C TYR B 33 5.08 23.52 11.39
N TRP B 34 4.51 24.48 12.10
CA TRP B 34 5.27 25.52 12.79
C TRP B 34 5.16 25.27 14.29
N ASN B 35 6.27 24.87 14.91
CA ASN B 35 6.26 24.44 16.29
C ASN B 35 7.36 25.14 17.07
N TRP B 36 7.17 25.18 18.39
CA TRP B 36 8.14 25.75 19.32
C TRP B 36 8.80 24.63 20.11
N ILE B 37 10.13 24.63 20.14
CA ILE B 37 10.91 23.66 20.90
C ILE B 37 11.82 24.42 21.85
N ARG B 38 11.79 24.05 23.12
CA ARG B 38 12.60 24.69 24.14
C ARG B 38 13.59 23.71 24.75
N GLN B 39 14.72 24.24 25.19
CA GLN B 39 15.80 23.42 25.75
C GLN B 39 16.33 24.06 27.03
N PRO B 40 15.86 23.62 28.18
CA PRO B 40 16.37 24.15 29.45
C PRO B 40 17.83 23.79 29.64
N PRO B 41 18.55 24.51 30.50
CA PRO B 41 19.96 24.17 30.76
C PRO B 41 20.07 22.76 31.32
N GLY B 42 21.15 22.08 30.97
CA GLY B 42 21.22 20.64 31.15
C GLY B 42 21.04 19.88 29.86
N LYS B 43 20.65 20.55 28.78
CA LYS B 43 20.65 20.03 27.42
C LYS B 43 19.68 18.86 27.24
N GLY B 44 18.42 19.07 27.62
CA GLY B 44 17.38 18.11 27.29
C GLY B 44 16.27 18.75 26.50
N LEU B 45 16.16 18.39 25.22
CA LEU B 45 15.17 19.01 24.35
C LEU B 45 13.75 18.68 24.80
N GLU B 46 12.88 19.68 24.75
CA GLU B 46 11.48 19.54 25.12
C GLU B 46 10.60 20.18 24.06
N TRP B 47 9.45 19.58 23.81
CA TRP B 47 8.52 20.03 22.79
C TRP B 47 7.31 20.66 23.46
N ILE B 48 6.97 21.89 23.07
CA ILE B 48 5.90 22.65 23.70
C ILE B 48 4.60 22.53 22.94
N GLY B 49 4.65 22.69 21.62
CA GLY B 49 3.46 22.53 20.80
C GLY B 49 3.73 22.94 19.38
N TYR B 50 2.90 22.43 18.47
CA TYR B 50 2.99 22.77 17.06
C TYR B 50 1.76 23.56 16.64
N PHE B 51 1.92 24.31 15.55
CA PHE B 51 0.86 25.10 14.97
C PHE B 51 0.78 24.83 13.47
N TYR B 52 -0.32 24.24 13.04
CA TYR B 52 -0.59 24.09 11.62
C TYR B 52 -1.22 25.38 11.10
N TYR B 53 -1.22 25.55 9.77
CA TYR B 53 -1.68 26.81 9.18
C TYR B 53 -3.13 27.18 9.43
N SER B 54 -4.01 26.20 9.56
CA SER B 54 -5.40 26.48 9.86
C SER B 54 -5.46 26.46 11.39
N GLY B 55 -6.68 26.44 11.93
CA GLY B 55 -6.77 26.32 13.37
C GLY B 55 -6.51 24.87 13.72
N SER B 56 -5.30 24.59 14.20
CA SER B 56 -4.92 23.23 14.59
C SER B 56 -3.79 23.35 15.60
N THR B 57 -4.11 23.20 16.88
CA THR B 57 -3.15 23.32 17.95
C THR B 57 -3.08 22.03 18.75
N LYS B 58 -1.88 21.71 19.24
CA LYS B 58 -1.67 20.51 20.04
C LYS B 58 -0.43 20.73 20.88
N TYR B 59 -0.60 20.80 22.20
CA TYR B 59 0.46 21.18 23.12
C TYR B 59 0.93 19.98 23.93
N ASN B 60 2.09 20.15 24.56
CA ASN B 60 2.66 19.13 25.43
C ASN B 60 1.71 18.86 26.59
N PRO B 61 1.42 17.60 26.93
CA PRO B 61 0.40 17.34 27.94
C PRO B 61 0.85 17.51 29.38
N SER B 62 2.06 18.02 29.64
CA SER B 62 2.43 18.55 30.93
C SER B 62 2.39 20.07 30.96
N LEU B 63 2.01 20.71 29.85
CA LEU B 63 2.11 22.15 29.69
C LEU B 63 0.82 22.75 29.13
N LYS B 64 -0.28 22.10 29.30
CA LYS B 64 -1.53 22.72 28.86
C LYS B 64 -1.85 23.79 29.91
N SER B 65 -2.92 24.58 29.77
CA SER B 65 -3.40 25.68 30.61
C SER B 65 -2.35 26.76 30.82
N ARG B 66 -1.24 26.71 30.08
CA ARG B 66 -0.19 27.71 30.24
C ARG B 66 0.30 28.26 28.91
N VAL B 67 0.18 27.47 27.85
CA VAL B 67 0.77 27.80 26.56
C VAL B 67 -0.34 28.14 25.56
N THR B 68 -0.15 29.26 24.85
CA THR B 68 -1.06 29.66 23.78
C THR B 68 -0.22 30.05 22.57
N ILE B 69 -0.53 29.47 21.42
CA ILE B 69 0.19 29.71 20.18
C ILE B 69 -0.79 30.27 19.15
N SER B 70 -0.42 31.38 18.53
CA SER B 70 -1.28 32.07 17.57
C SER B 70 -0.54 32.28 16.26
N LEU B 71 -1.20 32.94 15.33
CA LEU B 71 -0.63 33.22 14.01
C LEU B 71 -0.83 34.69 13.68
N ASP B 72 0.15 35.25 12.98
CA ASP B 72 0.16 36.64 12.54
C ASP B 72 0.54 36.71 11.07
N MET B 73 -0.13 35.90 10.25
CA MET B 73 0.22 35.65 8.85
C MET B 73 0.40 36.93 8.03
N SER B 74 -0.25 38.02 8.42
CA SER B 74 -0.14 39.27 7.67
C SER B 74 1.32 39.68 7.52
N LYS B 75 2.13 39.49 8.56
CA LYS B 75 3.55 39.76 8.53
C LYS B 75 4.39 38.49 8.42
N ASN B 76 3.75 37.34 8.17
CA ASN B 76 4.42 36.04 8.07
C ASN B 76 5.18 35.72 9.36
N GLN B 77 4.43 35.58 10.46
CA GLN B 77 5.04 35.28 11.73
C GLN B 77 4.01 34.63 12.64
N PHE B 78 4.51 33.94 13.67
CA PHE B 78 3.67 33.28 14.66
C PHE B 78 4.28 33.50 16.03
N SER B 79 3.43 33.55 17.06
CA SER B 79 3.84 33.97 18.39
C SER B 79 3.46 32.90 19.41
N LEU B 80 3.80 33.17 20.68
CA LEU B 80 3.53 32.29 21.79
C LEU B 80 3.39 33.12 23.05
N LYS B 81 2.62 32.61 24.01
CA LYS B 81 2.40 33.30 25.28
C LYS B 81 2.32 32.28 26.40
N LEU B 82 3.33 32.17 27.25
CA LEU B 82 3.33 31.25 28.42
C LEU B 82 2.48 31.92 29.47
N ARG B 83 2.41 31.38 30.64
CA ARG B 83 1.65 31.95 31.72
C ARG B 83 2.30 31.45 32.99
N SER B 84 2.03 32.09 34.12
CA SER B 84 2.51 31.70 35.44
C SER B 84 3.96 31.21 35.38
N VAL B 85 4.78 31.97 34.64
CA VAL B 85 6.17 31.58 34.41
C VAL B 85 6.90 31.54 35.73
N THR B 86 7.75 30.52 35.90
CA THR B 86 8.48 30.27 37.14
C THR B 86 9.96 30.14 36.80
N ALA B 87 10.81 30.13 37.83
CA ALA B 87 12.25 30.04 37.61
C ALA B 87 12.63 28.73 36.93
N ALA B 88 11.75 27.74 36.94
CA ALA B 88 12.03 26.48 36.26
C ALA B 88 11.89 26.59 34.75
N ASP B 89 11.31 27.68 34.25
CA ASP B 89 11.03 27.85 32.84
C ASP B 89 12.09 28.70 32.12
N THR B 90 13.31 28.75 32.64
CA THR B 90 14.41 29.43 31.97
C THR B 90 14.99 28.49 30.91
N ALA B 91 14.81 28.84 29.63
CA ALA B 91 15.23 27.93 28.57
C ALA B 91 15.46 28.71 27.28
N VAL B 92 16.21 28.09 26.37
CA VAL B 92 16.40 28.59 25.02
C VAL B 92 15.23 28.08 24.18
N TYR B 93 14.56 28.99 23.48
CA TYR B 93 13.36 28.65 22.71
C TYR B 93 13.68 28.66 21.22
N TYR B 94 13.35 27.56 20.55
CA TYR B 94 13.53 27.43 19.11
C TYR B 94 12.18 27.35 18.42
N CYS B 95 12.10 27.95 17.23
CA CYS B 95 10.98 27.76 16.32
C CYS B 95 11.45 27.00 15.10
N ALA B 96 10.77 25.90 14.78
CA ALA B 96 11.24 24.96 13.77
C ALA B 96 10.14 24.67 12.76
N ARG B 97 10.55 24.11 11.62
CA ARG B 97 9.67 23.81 10.50
C ARG B 97 9.55 22.29 10.36
N GLY B 98 8.32 21.80 10.34
CA GLY B 98 8.05 20.38 10.20
C GLY B 98 7.30 20.07 8.92
N THR B 99 7.70 18.99 8.26
CA THR B 99 7.07 18.56 7.01
C THR B 99 5.77 17.80 7.30
N MET B 100 5.25 17.12 6.36
CA MET B 100 4.01 16.50 6.60
C MET B 100 3.87 15.28 5.69
N ARG B 101 3.08 14.28 6.10
CA ARG B 101 2.70 13.11 5.30
C ARG B 101 3.87 12.16 5.06
N GLU B 102 4.49 11.72 6.15
CA GLU B 102 5.27 10.49 6.07
C GLU B 102 5.16 9.64 7.32
N SER B 103 4.64 10.17 8.43
CA SER B 103 4.42 9.42 9.66
C SER B 103 3.18 10.00 10.36
N GLY B 104 1.88 9.74 10.08
CA GLY B 104 0.64 10.17 10.84
C GLY B 104 0.20 11.41 10.23
N MET B 105 1.19 12.17 9.86
CA MET B 105 1.26 13.33 8.99
C MET B 105 2.45 13.97 9.73
N PRO B 106 2.41 14.43 11.00
CA PRO B 106 3.48 14.96 11.67
C PRO B 106 4.75 14.31 11.28
N ASP B 107 5.73 15.00 10.90
CA ASP B 107 7.03 14.40 10.66
C ASP B 107 8.11 15.30 11.25
N ALA B 108 9.36 14.96 10.96
CA ALA B 108 10.48 15.54 11.68
C ALA B 108 10.69 17.01 11.30
N PHE B 109 11.54 17.68 12.06
CA PHE B 109 11.69 19.14 12.01
C PHE B 109 12.78 19.49 11.01
N ASP B 110 12.37 19.99 9.83
CA ASP B 110 13.31 20.17 8.73
C ASP B 110 14.39 21.18 9.07
N ILE B 111 13.98 22.37 9.51
CA ILE B 111 14.91 23.47 9.81
C ILE B 111 14.47 24.14 11.11
N TRP B 112 15.44 24.62 11.87
CA TRP B 112 15.18 25.27 13.15
C TRP B 112 15.59 26.73 13.08
N GLY B 113 15.31 27.44 14.17
CA GLY B 113 15.72 28.82 14.30
C GLY B 113 17.14 28.93 14.82
N GLN B 114 17.46 30.09 15.39
CA GLN B 114 18.78 30.32 15.97
C GLN B 114 18.80 30.26 17.49
N GLY B 115 17.66 30.44 18.14
CA GLY B 115 17.58 30.31 19.58
C GLY B 115 17.75 31.61 20.34
N THR B 116 16.69 32.06 20.99
CA THR B 116 16.73 33.23 21.85
C THR B 116 16.67 32.78 23.30
N VAL B 117 17.60 33.28 24.12
CA VAL B 117 17.67 32.88 25.52
C VAL B 117 16.67 33.70 26.33
N VAL B 118 15.89 33.02 27.16
CA VAL B 118 14.89 33.65 28.01
C VAL B 118 15.24 33.31 29.45
N THR B 119 15.39 34.33 30.29
CA THR B 119 15.71 34.15 31.69
C THR B 119 14.60 34.71 32.56
N VAL B 120 14.43 34.11 33.74
CA VAL B 120 13.38 34.49 34.68
C VAL B 120 14.03 34.90 35.99
N SER B 121 13.72 36.10 36.45
CA SER B 121 14.29 36.62 37.69
C SER B 121 13.44 37.75 38.25
N SER C 1 3.78 8.64 31.06
CA SER C 1 3.45 8.64 29.61
C SER C 1 4.27 7.62 28.82
N TYR C 2 5.32 8.03 28.11
CA TYR C 2 6.12 7.16 27.27
C TYR C 2 7.46 7.77 27.40
N GLU C 3 8.54 7.08 27.22
CA GLU C 3 9.86 7.71 27.19
C GLU C 3 10.83 6.87 26.38
N LEU C 4 11.48 7.49 25.41
CA LEU C 4 12.56 6.85 24.66
C LEU C 4 13.82 6.92 25.52
N ILE C 5 14.34 5.76 25.92
CA ILE C 5 15.54 5.70 26.74
C ILE C 5 16.71 5.26 25.86
N GLN C 6 17.77 6.07 25.85
CA GLN C 6 18.97 5.77 25.11
C GLN C 6 20.18 6.07 25.99
N PRO C 7 21.30 5.39 25.77
CA PRO C 7 22.49 5.61 26.61
C PRO C 7 22.98 7.05 26.49
N PRO C 8 23.45 7.64 27.58
CA PRO C 8 23.85 9.06 27.56
C PRO C 8 25.24 9.32 27.00
N SER C 9 26.08 8.29 26.85
CA SER C 9 27.43 8.49 26.35
C SER C 9 27.85 7.32 25.48
N VAL C 10 28.50 7.64 24.35
CA VAL C 10 29.07 6.64 23.46
C VAL C 10 30.46 7.11 23.06
N SER C 11 31.46 6.24 23.29
CA SER C 11 32.84 6.54 22.95
C SER C 11 33.21 5.75 21.70
N VAL C 12 33.65 6.45 20.66
CA VAL C 12 33.95 5.84 19.37
C VAL C 12 35.38 6.20 18.98
N SER C 13 36.16 5.19 18.63
CA SER C 13 37.50 5.43 18.09
C SER C 13 37.40 6.04 16.69
N PRO C 14 38.36 6.86 16.30
CA PRO C 14 38.33 7.45 14.96
C PRO C 14 38.38 6.37 13.88
N GLY C 15 37.59 6.57 12.83
CA GLY C 15 37.55 5.64 11.72
C GLY C 15 36.74 4.38 11.95
N GLN C 16 36.09 4.25 13.10
CA GLN C 16 35.35 3.04 13.45
C GLN C 16 33.87 3.35 13.51
N THR C 17 33.06 2.38 13.10
CA THR C 17 31.62 2.54 12.95
C THR C 17 30.96 2.76 14.31
N ALA C 18 30.09 3.76 14.38
CA ALA C 18 29.39 4.11 15.60
C ALA C 18 27.92 3.73 15.51
N ILE C 19 27.40 3.15 16.59
CA ILE C 19 26.00 2.74 16.67
C ILE C 19 25.41 3.33 17.94
N ILE C 20 24.26 3.99 17.81
CA ILE C 20 23.55 4.60 18.92
C ILE C 20 22.16 3.98 19.00
N THR C 21 21.89 3.25 20.07
CA THR C 21 20.62 2.58 20.26
C THR C 21 19.60 3.52 20.88
N CYS C 22 18.34 3.37 20.50
CA CYS C 22 17.25 4.20 21.01
C CYS C 22 16.10 3.26 21.35
N SER C 23 16.07 2.75 22.58
CA SER C 23 15.18 1.66 22.96
C SER C 23 13.85 2.21 23.47
N GLY C 24 12.84 2.24 22.60
CA GLY C 24 11.49 2.52 23.01
C GLY C 24 10.79 1.25 23.48
N ASN C 25 9.53 1.41 23.89
CA ASN C 25 8.78 0.24 24.36
C ASN C 25 8.21 -0.54 23.19
N ASN C 26 7.25 0.05 22.47
CA ASN C 26 6.77 -0.53 21.23
C ASN C 26 7.30 0.28 20.04
N LEU C 27 8.58 0.10 19.78
CA LEU C 27 9.21 0.79 18.67
C LEU C 27 9.24 -0.13 17.45
N GLY C 28 9.45 0.46 16.28
CA GLY C 28 9.31 -0.28 15.04
C GLY C 28 7.88 -0.21 14.53
N ASN C 29 6.93 -0.12 15.47
CA ASN C 29 5.54 0.11 15.12
C ASN C 29 5.31 1.55 14.68
N LYS C 30 6.19 2.47 15.07
CA LYS C 30 6.06 3.89 14.76
C LYS C 30 7.36 4.39 14.16
N TYR C 31 7.23 5.43 13.33
CA TYR C 31 8.38 5.99 12.64
C TYR C 31 9.25 6.79 13.62
N ALA C 32 10.56 6.64 13.50
CA ALA C 32 11.52 7.31 14.38
C ALA C 32 12.47 8.15 13.55
N CYS C 33 12.78 9.34 14.04
CA CYS C 33 13.69 10.26 13.38
C CYS C 33 14.74 10.77 14.36
N TRP C 34 15.89 11.15 13.82
CA TRP C 34 17.04 11.55 14.62
C TRP C 34 17.41 13.00 14.31
N TYR C 35 18.14 13.61 15.24
CA TYR C 35 18.62 14.98 15.08
C TYR C 35 20.09 15.07 15.44
N GLN C 36 20.75 16.11 14.93
CA GLN C 36 22.15 16.38 15.21
C GLN C 36 22.29 17.82 15.68
N GLN C 37 22.84 18.07 16.91
CA GLN C 37 22.98 19.44 17.53
C GLN C 37 24.36 19.75 18.00
N LYS C 38 25.25 20.25 17.22
CA LYS C 38 26.57 20.61 17.71
C LYS C 38 26.47 21.55 18.90
N ALA C 39 27.57 21.70 19.61
CA ALA C 39 27.59 22.57 20.78
C ALA C 39 27.34 24.03 20.37
N GLY C 40 26.38 24.66 21.04
CA GLY C 40 26.06 26.04 20.75
C GLY C 40 24.99 26.22 19.69
N GLN C 41 25.22 25.68 18.50
CA GLN C 41 24.30 25.89 17.39
C GLN C 41 23.00 25.13 17.60
N SER C 42 21.98 25.52 16.85
CA SER C 42 20.70 24.82 16.88
C SER C 42 20.83 23.47 16.17
N PRO C 43 20.01 22.50 16.55
CA PRO C 43 20.08 21.18 15.92
C PRO C 43 19.66 21.22 14.46
N VAL C 44 20.16 20.23 13.71
CA VAL C 44 19.85 20.07 12.30
C VAL C 44 19.42 18.63 12.06
N MET C 45 18.44 18.35 11.22
CA MET C 45 17.98 16.94 11.05
C MET C 45 19.10 16.17 10.35
N ILE C 46 19.29 14.90 10.58
CA ILE C 46 20.25 13.89 10.14
C ILE C 46 19.56 12.72 9.45
N ILE C 47 18.56 12.12 10.12
CA ILE C 47 17.87 10.94 9.61
C ILE C 47 16.39 11.07 9.96
N TYR C 48 15.52 10.65 9.05
CA TYR C 48 14.08 10.63 9.32
C TYR C 48 13.47 9.39 8.67
N GLN C 49 12.43 8.84 9.27
CA GLN C 49 11.83 7.54 8.86
C GLN C 49 12.83 6.36 8.98
N ASP C 50 13.97 6.48 9.68
CA ASP C 50 14.86 5.37 10.01
C ASP C 50 15.73 4.94 8.84
N ASN C 51 15.47 5.45 7.64
CA ASN C 51 16.29 5.11 6.49
C ASN C 51 16.54 6.27 5.54
N ARG C 52 15.79 7.36 5.63
CA ARG C 52 15.91 8.42 4.65
C ARG C 52 17.01 9.40 5.03
N ARG C 53 17.27 10.34 4.14
CA ARG C 53 18.30 11.37 4.31
C ARG C 53 17.90 12.59 3.51
N PRO C 54 17.45 13.67 4.17
CA PRO C 54 16.74 14.75 3.46
C PRO C 54 17.54 15.47 2.38
N SER C 55 18.64 16.13 2.75
CA SER C 55 19.34 16.99 1.80
C SER C 55 20.75 17.29 2.33
N GLY C 56 21.76 16.85 1.58
CA GLY C 56 23.12 17.31 1.80
C GLY C 56 23.88 16.63 2.90
N ILE C 57 23.27 15.71 3.65
CA ILE C 57 23.98 14.99 4.69
C ILE C 57 24.94 14.01 4.03
N PRO C 58 26.18 13.89 4.52
CA PRO C 58 27.11 12.94 3.91
C PRO C 58 26.59 11.52 3.98
N GLU C 59 26.99 10.71 2.99
CA GLU C 59 26.49 9.34 2.86
C GLU C 59 26.79 8.49 4.09
N ARG C 60 27.79 8.85 4.88
CA ARG C 60 28.15 8.06 6.05
C ARG C 60 27.26 8.41 7.24
N PHE C 61 25.94 8.36 7.03
CA PHE C 61 24.97 8.64 8.09
C PHE C 61 23.71 7.85 7.77
N SER C 62 23.54 6.70 8.44
CA SER C 62 22.44 5.80 8.16
C SER C 62 21.81 5.33 9.46
N GLY C 63 20.57 4.86 9.36
CA GLY C 63 19.87 4.34 10.52
C GLY C 63 19.12 3.08 10.17
N SER C 64 18.58 2.43 11.20
CA SER C 64 17.79 1.21 11.04
C SER C 64 16.64 1.24 12.04
N ASN C 65 15.82 0.18 11.99
CA ASN C 65 14.71 0.05 12.92
C ASN C 65 14.27 -1.41 12.95
N SER C 66 14.45 -2.07 14.09
CA SER C 66 14.10 -3.48 14.20
C SER C 66 13.77 -3.80 15.65
N GLY C 67 12.83 -4.71 15.84
CA GLY C 67 12.45 -5.15 17.17
C GLY C 67 11.89 -4.03 18.02
N ASN C 68 12.66 -3.61 19.02
CA ASN C 68 12.28 -2.48 19.87
C ASN C 68 13.41 -1.44 19.96
N THR C 69 14.38 -1.49 19.06
CA THR C 69 15.52 -0.57 19.10
C THR C 69 15.74 -0.01 17.70
N ALA C 70 15.72 1.31 17.57
CA ALA C 70 16.12 2.00 16.35
C ALA C 70 17.54 2.49 16.53
N THR C 71 18.44 2.08 15.63
CA THR C 71 19.85 2.35 15.77
C THR C 71 20.33 3.29 14.67
N LEU C 72 21.07 4.32 15.08
CA LEU C 72 21.72 5.24 14.16
C LEU C 72 23.16 4.78 13.95
N THR C 73 23.57 4.67 12.69
CA THR C 73 24.88 4.14 12.33
C THR C 73 25.68 5.23 11.62
N ILE C 74 26.90 5.45 12.09
CA ILE C 74 27.82 6.39 11.46
C ILE C 74 29.04 5.59 11.03
N SER C 75 29.16 5.34 9.73
CA SER C 75 30.28 4.56 9.21
C SER C 75 31.50 5.44 9.04
N GLY C 76 32.63 5.02 9.62
CA GLY C 76 33.85 5.77 9.54
C GLY C 76 33.88 7.15 10.18
N THR C 77 33.44 7.22 11.43
CA THR C 77 33.33 8.51 12.11
C THR C 77 34.60 9.36 12.05
N GLN C 78 34.41 10.67 12.06
CA GLN C 78 35.51 11.63 12.07
C GLN C 78 35.40 12.55 13.29
N ALA C 79 36.45 13.32 13.52
CA ALA C 79 36.44 14.29 14.60
C ALA C 79 35.55 15.49 14.29
N MET C 80 35.03 15.60 13.07
CA MET C 80 34.20 16.74 12.69
C MET C 80 32.91 16.81 13.49
N ASP C 81 32.35 15.68 13.92
CA ASP C 81 31.08 15.66 14.62
C ASP C 81 31.23 15.10 16.02
N GLU C 82 30.79 15.88 17.00
CA GLU C 82 30.68 15.46 18.40
C GLU C 82 29.37 15.96 18.99
N ALA C 83 28.30 15.83 18.23
CA ALA C 83 27.05 16.52 18.52
C ALA C 83 26.22 15.77 19.56
N ASP C 84 24.98 16.20 19.74
CA ASP C 84 24.04 15.61 20.69
C ASP C 84 22.89 15.00 19.89
N TYR C 85 22.92 13.69 19.71
CA TYR C 85 21.97 13.01 18.83
C TYR C 85 20.74 12.61 19.62
N TYR C 86 19.65 13.31 19.38
CA TYR C 86 18.38 13.01 20.03
C TYR C 86 17.49 12.17 19.12
N CYS C 87 16.53 11.48 19.73
CA CYS C 87 15.52 10.74 19.01
C CYS C 87 14.23 11.56 18.94
N GLN C 88 13.21 10.97 18.34
CA GLN C 88 11.86 11.52 18.34
C GLN C 88 10.92 10.47 17.78
N ALA C 89 9.76 10.34 18.41
CA ALA C 89 8.77 9.36 17.96
C ALA C 89 7.41 9.84 18.43
N TRP C 90 6.58 10.29 17.49
CA TRP C 90 5.30 10.88 17.84
C TRP C 90 4.38 9.87 18.49
N ASP C 91 4.10 10.06 19.78
CA ASP C 91 3.07 9.35 20.51
C ASP C 91 2.15 10.37 21.17
N SER C 92 1.70 11.34 20.36
CA SER C 92 0.84 12.43 20.78
C SER C 92 1.54 13.35 21.78
N SER C 93 2.84 13.16 22.00
CA SER C 93 3.60 14.02 22.90
C SER C 93 4.99 14.36 22.40
N VAL C 94 5.42 13.79 21.27
CA VAL C 94 6.72 14.06 20.68
C VAL C 94 7.88 13.76 21.62
N VAL C 95 7.87 12.58 22.25
CA VAL C 95 8.93 12.23 23.17
C VAL C 95 10.32 12.31 22.53
N PHE C 96 11.23 13.01 23.22
CA PHE C 96 12.60 13.16 22.78
C PHE C 96 13.48 12.21 23.57
N GLY C 97 14.59 11.80 22.95
CA GLY C 97 15.57 10.98 23.63
C GLY C 97 16.34 11.79 24.66
N GLY C 98 17.07 11.07 25.50
CA GLY C 98 17.85 11.73 26.53
C GLY C 98 19.12 12.40 26.04
N GLY C 99 19.49 12.18 24.78
CA GLY C 99 20.69 12.77 24.24
C GLY C 99 21.90 11.87 24.40
N THR C 100 22.68 11.74 23.32
CA THR C 100 23.86 10.89 23.32
C THR C 100 25.05 11.69 22.82
N LYS C 101 26.14 11.68 23.58
CA LYS C 101 27.32 12.50 23.31
C LYS C 101 28.39 11.62 22.68
N LEU C 102 28.54 11.70 21.36
CA LEU C 102 29.64 11.00 20.72
C LEU C 102 30.97 11.65 21.10
N THR C 103 31.95 10.81 21.38
CA THR C 103 33.30 11.27 21.72
C THR C 103 34.28 10.59 20.78
N VAL C 104 34.83 11.35 19.85
CA VAL C 104 35.79 10.85 18.88
C VAL C 104 37.16 10.93 19.54
N LEU C 105 37.17 11.23 20.84
CA LEU C 105 38.34 11.40 21.69
C LEU C 105 39.06 12.73 21.45
N GLY C 106 38.45 13.64 20.69
CA GLY C 106 39.02 14.95 20.49
C GLY C 106 40.21 14.98 19.56
N GLN C 107 41.29 14.33 19.97
CA GLN C 107 42.51 14.30 19.17
C GLN C 107 42.86 12.86 18.79
#